data_3F5C
#
_entry.id   3F5C
#
_cell.length_a   103.355
_cell.length_b   103.355
_cell.length_c   117.455
_cell.angle_alpha   90.00
_cell.angle_beta   90.00
_cell.angle_gamma   90.00
#
_symmetry.space_group_name_H-M   'P 43'
#
loop_
_entity.id
_entity.type
_entity.pdbx_description
1 polymer 'Nuclear receptor subfamily 5 group A member 2'
2 polymer 'Nuclear receptor subfamily 0 group B member 1'
#
loop_
_entity_poly.entity_id
_entity_poly.type
_entity_poly.pdbx_seq_one_letter_code
_entity_poly.pdbx_strand_id
1 'polypeptide(L)'
;QTNSPASIPHLILELLKCEPDEPQVQAKIMAYLQQEQSNRNRQEKLSAFGLLCKMADQTLFSIVEWARSSIFFRELKVDD
QMKLLQNCWSELLILDHIYRQVAHGKEGTIFLVTGEHVDYSTIISHTEVAFNNLLSLAQELVVRLRSLQFDQREFVCLKF
LVLFSSDVKNLENLQLVEGVQEQVNAALLDYTVCNYPQQTEKFGQLLLRLPELRAISKQAEDYLYYKHVNGDVPYNNLLI
EMLHAKRA
;
A
2 'polypeptide(L)'
;GEEQPQQISVASGTPVSADQTPATPQEQPRAPWWDASPGVQRLITLKDPQVVCEAASAGLLKTLRFVKYLPCFQILPLDQ
QLVLVRSCWAPLLMLELAQDHLHFEMMEIPETNTTQEMLTTRRQETEGPEPAEPQATEQPQMVSAEAGHLLPAAAVQAIK
SFFFKCWSLNIDTKEYAYLKGTVLFNPDLPGLQCVKYIEGLQWRTQQILTEHIRMMQREYQIRSAELNSALFLLRFINSD
VVTELFFRPIIGAVSMDDMMLEMLCAKL
;
B,C
#
# COMPACT_ATOMS: atom_id res chain seq x y z
N ALA A 6 -25.95 6.11 38.21
CA ALA A 6 -25.62 6.29 36.80
C ALA A 6 -24.34 7.10 36.64
N SER A 7 -23.66 7.36 37.75
CA SER A 7 -22.43 8.15 37.75
C SER A 7 -21.23 7.37 37.21
N ILE A 8 -20.26 8.11 36.70
CA ILE A 8 -19.09 7.51 36.07
C ILE A 8 -17.82 7.91 36.81
N PRO A 9 -16.84 7.00 36.88
CA PRO A 9 -15.56 7.27 37.55
C PRO A 9 -14.85 8.50 36.98
N HIS A 10 -13.90 9.06 37.75
CA HIS A 10 -13.19 10.28 37.37
C HIS A 10 -12.56 10.16 35.98
N LEU A 11 -12.01 8.98 35.68
CA LEU A 11 -11.34 8.73 34.39
C LEU A 11 -12.24 8.95 33.19
N ILE A 12 -13.27 8.13 33.07
CA ILE A 12 -14.20 8.16 31.94
C ILE A 12 -14.85 9.53 31.77
N LEU A 13 -15.03 10.26 32.89
CA LEU A 13 -15.64 11.58 32.85
C LEU A 13 -14.84 12.54 31.96
N GLU A 14 -13.52 12.52 32.11
CA GLU A 14 -12.64 13.41 31.36
C GLU A 14 -12.28 12.86 29.97
N LEU A 15 -12.40 11.54 29.81
CA LEU A 15 -12.18 10.91 28.53
C LEU A 15 -13.24 11.35 27.55
N LEU A 16 -14.47 11.48 28.02
CA LEU A 16 -15.58 11.96 27.20
C LEU A 16 -15.33 13.40 26.74
N LYS A 17 -14.39 14.08 27.41
CA LYS A 17 -14.06 15.45 27.08
C LYS A 17 -13.17 15.53 25.84
N CYS A 18 -12.49 14.41 25.54
CA CYS A 18 -11.57 14.32 24.39
C CYS A 18 -12.28 13.95 23.09
N GLU A 19 -13.60 13.83 23.16
CA GLU A 19 -14.41 13.51 22.00
C GLU A 19 -14.34 14.59 20.93
N PRO A 20 -14.47 14.16 19.67
CA PRO A 20 -14.17 14.98 18.49
C PRO A 20 -15.28 15.95 18.15
N ASP A 21 -16.42 15.76 18.79
CA ASP A 21 -17.62 16.50 18.45
C ASP A 21 -18.52 15.55 17.68
N GLU A 22 -18.57 15.66 16.35
CA GLU A 22 -19.42 14.78 15.54
C GLU A 22 -20.26 15.55 14.55
N PRO A 23 -20.61 16.79 14.89
CA PRO A 23 -21.13 17.65 13.83
C PRO A 23 -19.96 18.31 13.13
N GLN A 24 -18.97 18.70 13.91
CA GLN A 24 -17.87 19.53 13.42
C GLN A 24 -17.10 18.80 12.32
N VAL A 25 -16.92 17.50 12.53
CA VAL A 25 -16.13 16.66 11.62
C VAL A 25 -16.76 16.47 10.25
N GLN A 26 -17.97 15.92 10.23
CA GLN A 26 -18.70 15.66 9.00
C GLN A 26 -18.77 16.88 8.09
N ALA A 27 -18.80 18.07 8.70
CA ALA A 27 -18.73 19.31 7.95
C ALA A 27 -17.39 19.40 7.24
N LYS A 28 -16.32 19.32 8.04
CA LYS A 28 -14.94 19.30 7.54
C LYS A 28 -14.76 18.28 6.42
N ILE A 29 -14.93 17.01 6.76
CA ILE A 29 -14.66 15.94 5.82
C ILE A 29 -15.48 16.10 4.55
N MET A 30 -16.80 16.14 4.70
CA MET A 30 -17.72 16.10 3.56
C MET A 30 -17.43 17.26 2.63
N ALA A 31 -17.05 18.40 3.21
CA ALA A 31 -16.73 19.59 2.42
C ALA A 31 -15.39 19.39 1.72
N TYR A 32 -14.48 18.73 2.42
CA TYR A 32 -13.23 18.33 1.81
C TYR A 32 -13.43 17.41 0.58
N LEU A 33 -14.15 16.30 0.78
CA LEU A 33 -14.46 15.35 -0.30
C LEU A 33 -15.23 15.98 -1.43
N GLN A 34 -16.34 16.65 -1.11
CA GLN A 34 -17.12 17.35 -2.12
C GLN A 34 -16.18 18.26 -2.90
N GLN A 35 -15.08 18.66 -2.25
CA GLN A 35 -14.10 19.55 -2.85
C GLN A 35 -13.12 18.76 -3.70
N GLU A 36 -12.75 17.59 -3.21
CA GLU A 36 -11.82 16.70 -3.90
C GLU A 36 -12.28 16.30 -5.30
N GLN A 37 -13.56 15.95 -5.42
CA GLN A 37 -14.16 15.57 -6.71
C GLN A 37 -14.47 16.80 -7.58
N SER A 38 -14.97 17.86 -6.94
CA SER A 38 -15.22 19.12 -7.63
C SER A 38 -13.93 19.64 -8.27
N ASN A 39 -12.81 19.25 -7.67
CA ASN A 39 -11.47 19.59 -8.16
C ASN A 39 -11.22 19.32 -9.64
N ARG A 40 -10.48 20.24 -10.25
CA ARG A 40 -10.19 20.28 -11.67
C ARG A 40 -9.00 19.45 -12.14
N ASN A 41 -9.16 18.15 -12.28
CA ASN A 41 -8.10 17.38 -12.93
C ASN A 41 -8.66 16.80 -14.23
N ARG A 42 -8.06 17.15 -15.36
CA ARG A 42 -8.52 16.64 -16.65
C ARG A 42 -8.65 15.11 -16.59
N GLN A 43 -7.72 14.48 -15.85
CA GLN A 43 -7.71 13.03 -15.63
C GLN A 43 -8.23 12.69 -14.20
N GLU A 44 -7.99 11.45 -13.76
CA GLU A 44 -8.18 10.98 -12.36
C GLU A 44 -9.54 10.82 -11.61
N LYS A 45 -10.49 10.12 -12.20
CA LYS A 45 -11.82 9.90 -11.62
C LYS A 45 -11.95 9.43 -10.14
N LEU A 46 -10.92 8.77 -9.61
CA LEU A 46 -10.94 8.16 -8.27
C LEU A 46 -11.20 6.61 -8.19
N SER A 47 -12.45 6.15 -8.21
CA SER A 47 -13.63 7.02 -8.20
C SER A 47 -14.58 6.81 -7.04
N ALA A 48 -15.22 5.65 -7.01
CA ALA A 48 -16.07 5.31 -5.90
C ALA A 48 -15.16 4.81 -4.81
N PHE A 49 -14.22 3.97 -5.20
CA PHE A 49 -13.30 3.35 -4.25
C PHE A 49 -12.26 4.36 -3.81
N GLY A 50 -11.50 4.87 -4.76
CA GLY A 50 -10.45 5.83 -4.46
C GLY A 50 -10.94 6.91 -3.52
N LEU A 51 -12.12 7.43 -3.81
CA LEU A 51 -12.71 8.50 -3.00
C LEU A 51 -13.00 8.01 -1.57
N LEU A 52 -13.47 6.79 -1.45
CA LEU A 52 -13.71 6.21 -0.15
C LEU A 52 -12.43 6.02 0.66
N CYS A 53 -11.31 5.90 -0.03
CA CYS A 53 -10.04 5.80 0.67
C CYS A 53 -9.69 7.13 1.28
N LYS A 54 -9.97 8.21 0.55
CA LYS A 54 -9.74 9.54 1.07
C LYS A 54 -10.61 9.83 2.29
N MET A 55 -11.86 9.39 2.23
CA MET A 55 -12.72 9.40 3.41
C MET A 55 -12.05 8.69 4.59
N ALA A 56 -11.64 7.45 4.36
CA ALA A 56 -10.97 6.69 5.40
C ALA A 56 -9.72 7.40 5.90
N ASP A 57 -9.08 8.18 5.02
CA ASP A 57 -7.85 8.86 5.36
C ASP A 57 -8.20 9.91 6.38
N GLN A 58 -9.09 10.82 5.97
CA GLN A 58 -9.57 11.87 6.83
C GLN A 58 -9.94 11.33 8.19
N THR A 59 -10.79 10.32 8.20
CA THR A 59 -11.17 9.68 9.43
C THR A 59 -9.95 9.43 10.28
N LEU A 60 -8.91 8.87 9.65
CA LEU A 60 -7.70 8.55 10.39
C LEU A 60 -7.00 9.82 10.83
N PHE A 61 -6.99 10.83 9.96
CA PHE A 61 -6.45 12.11 10.38
C PHE A 61 -7.19 12.56 11.62
N SER A 62 -8.49 12.75 11.49
CA SER A 62 -9.29 13.12 12.63
C SER A 62 -8.97 12.23 13.83
N ILE A 63 -8.84 10.94 13.62
CA ILE A 63 -8.55 10.06 14.74
C ILE A 63 -7.22 10.44 15.41
N VAL A 64 -6.27 10.95 14.64
CA VAL A 64 -4.97 11.31 15.21
C VAL A 64 -5.06 12.62 16.00
N GLU A 65 -5.79 13.60 15.45
CA GLU A 65 -6.11 14.79 16.22
C GLU A 65 -6.73 14.39 17.56
N TRP A 66 -7.83 13.62 17.51
CA TRP A 66 -8.46 13.12 18.72
C TRP A 66 -7.43 12.52 19.67
N ALA A 67 -6.47 11.81 19.11
CA ALA A 67 -5.44 11.18 19.92
C ALA A 67 -4.52 12.23 20.58
N ARG A 68 -3.88 13.07 19.76
CA ARG A 68 -2.95 14.09 20.26
C ARG A 68 -3.66 15.03 21.19
N SER A 69 -4.87 15.40 20.81
CA SER A 69 -5.77 16.16 21.69
C SER A 69 -6.47 15.24 22.67
N SER A 70 -5.67 14.54 23.46
CA SER A 70 -6.18 13.70 24.52
C SER A 70 -5.27 13.78 25.71
N ILE A 71 -5.88 13.71 26.89
CA ILE A 71 -5.20 14.00 28.14
C ILE A 71 -3.95 13.14 28.35
N PHE A 72 -4.15 11.82 28.37
CA PHE A 72 -3.04 10.91 28.68
C PHE A 72 -2.12 10.74 27.51
N PHE A 73 -2.62 11.05 26.33
CA PHE A 73 -1.84 10.92 25.12
C PHE A 73 -0.89 12.12 25.01
N ARG A 74 -1.35 13.28 25.46
CA ARG A 74 -0.57 14.50 25.30
C ARG A 74 0.85 14.34 25.88
N GLU A 75 0.94 13.88 27.13
CA GLU A 75 2.24 13.55 27.71
C GLU A 75 2.74 12.34 26.96
N LEU A 76 4.03 12.02 27.09
CA LEU A 76 4.65 11.01 26.23
C LEU A 76 4.85 11.55 24.83
N LYS A 77 6.10 11.64 24.41
CA LYS A 77 6.41 12.41 23.23
C LYS A 77 6.29 11.66 21.91
N VAL A 78 6.35 12.43 20.84
CA VAL A 78 5.99 11.99 19.50
C VAL A 78 6.53 10.61 19.11
N ASP A 79 7.82 10.39 19.32
CA ASP A 79 8.46 9.16 18.84
C ASP A 79 7.63 7.97 19.22
N ASP A 80 7.15 7.99 20.47
CA ASP A 80 6.29 6.94 21.00
C ASP A 80 4.85 7.14 20.55
N GLN A 81 4.40 8.38 20.49
CA GLN A 81 3.07 8.65 19.97
C GLN A 81 2.86 7.94 18.64
N MET A 82 3.85 8.03 17.76
CA MET A 82 3.74 7.45 16.43
C MET A 82 3.82 5.94 16.47
N LYS A 83 4.42 5.38 17.52
CA LYS A 83 4.52 3.93 17.61
C LYS A 83 3.19 3.30 17.98
N LEU A 84 2.42 3.99 18.83
CA LEU A 84 1.09 3.51 19.20
C LEU A 84 0.20 3.58 18.00
N LEU A 85 0.27 4.69 17.30
CA LEU A 85 -0.51 4.89 16.12
C LEU A 85 -0.18 3.86 15.05
N GLN A 86 1.08 3.51 14.95
CA GLN A 86 1.50 2.64 13.88
C GLN A 86 1.00 1.25 14.09
N ASN A 87 0.47 0.97 15.28
CA ASN A 87 0.00 -0.38 15.59
C ASN A 87 -1.53 -0.57 15.43
N CYS A 88 -2.28 0.44 15.82
CA CYS A 88 -3.70 0.26 15.94
C CYS A 88 -4.44 1.09 14.92
N TRP A 89 -3.73 1.86 14.14
CA TRP A 89 -4.38 2.73 13.16
C TRP A 89 -5.53 2.07 12.40
N SER A 90 -5.41 0.77 12.17
CA SER A 90 -6.45 0.01 11.51
C SER A 90 -7.59 -0.27 12.48
N GLU A 91 -7.25 -0.93 13.58
CA GLU A 91 -8.19 -1.35 14.61
C GLU A 91 -9.08 -0.22 15.04
N LEU A 92 -8.49 0.96 15.18
CA LEU A 92 -9.24 2.15 15.55
C LEU A 92 -10.14 2.58 14.41
N LEU A 93 -9.58 2.61 13.21
CA LEU A 93 -10.33 3.11 12.07
C LEU A 93 -11.61 2.28 11.88
N ILE A 94 -11.49 0.99 12.15
CA ILE A 94 -12.59 0.04 12.02
C ILE A 94 -13.61 0.26 13.11
N LEU A 95 -13.14 0.13 14.36
CA LEU A 95 -13.92 0.41 15.55
C LEU A 95 -14.77 1.66 15.44
N ASP A 96 -14.16 2.78 15.07
CA ASP A 96 -14.91 4.01 14.87
C ASP A 96 -16.13 3.72 14.01
N HIS A 97 -15.90 3.06 12.89
CA HIS A 97 -16.98 2.70 11.98
C HIS A 97 -18.02 1.85 12.68
N ILE A 98 -17.54 0.82 13.36
CA ILE A 98 -18.40 -0.10 14.09
C ILE A 98 -19.36 0.65 15.01
N TYR A 99 -18.82 1.42 15.95
CA TYR A 99 -19.64 2.20 16.84
C TYR A 99 -20.63 3.06 16.07
N ARG A 100 -20.16 3.69 14.99
CA ARG A 100 -21.03 4.53 14.18
C ARG A 100 -22.22 3.71 13.67
N GLN A 101 -22.05 2.40 13.66
CA GLN A 101 -23.09 1.52 13.18
C GLN A 101 -23.94 1.06 14.33
N VAL A 102 -23.45 1.29 15.54
CA VAL A 102 -24.19 0.95 16.75
C VAL A 102 -25.11 2.11 17.03
N ALA A 103 -24.55 3.32 17.00
CA ALA A 103 -25.31 4.56 17.15
C ALA A 103 -26.35 4.74 16.05
N HIS A 104 -25.89 4.97 14.83
CA HIS A 104 -26.79 5.27 13.73
C HIS A 104 -26.95 4.11 12.72
N GLY A 105 -26.62 2.91 13.15
CA GLY A 105 -26.80 1.72 12.33
C GLY A 105 -28.03 0.94 12.77
N LYS A 106 -28.72 0.30 11.83
CA LYS A 106 -30.02 -0.31 12.16
C LYS A 106 -30.45 -1.62 11.49
N GLU A 107 -30.74 -1.57 10.20
CA GLU A 107 -31.47 -2.66 9.57
C GLU A 107 -30.69 -3.38 8.47
N GLY A 108 -30.37 -2.63 7.43
CA GLY A 108 -29.61 -3.11 6.29
C GLY A 108 -29.04 -1.83 5.76
N THR A 109 -28.70 -0.96 6.70
CA THR A 109 -28.31 0.40 6.42
C THR A 109 -26.98 0.74 7.09
N ILE A 110 -26.00 1.11 6.27
CA ILE A 110 -24.70 1.51 6.78
C ILE A 110 -24.58 3.03 6.80
N PHE A 111 -24.01 3.53 7.89
CA PHE A 111 -23.89 4.97 8.09
C PHE A 111 -22.42 5.40 8.05
N LEU A 112 -22.07 6.18 7.03
CA LEU A 112 -20.71 6.65 6.86
C LEU A 112 -20.40 7.76 7.85
N VAL A 113 -19.11 8.04 8.00
CA VAL A 113 -18.67 9.11 8.87
C VAL A 113 -18.97 10.47 8.24
N THR A 114 -19.40 10.45 6.98
CA THR A 114 -19.73 11.68 6.28
C THR A 114 -21.18 12.01 6.53
N GLY A 115 -21.85 11.14 7.27
CA GLY A 115 -23.25 11.36 7.61
C GLY A 115 -24.20 10.80 6.58
N GLU A 116 -23.66 10.32 5.46
CA GLU A 116 -24.46 9.65 4.46
C GLU A 116 -24.76 8.21 4.86
N HIS A 117 -25.69 7.57 4.17
CA HIS A 117 -26.09 6.21 4.50
C HIS A 117 -26.29 5.40 3.22
N VAL A 118 -26.17 4.08 3.34
CA VAL A 118 -26.39 3.20 2.19
C VAL A 118 -27.09 1.91 2.57
N ASP A 119 -27.57 1.19 1.56
CA ASP A 119 -28.21 -0.09 1.78
C ASP A 119 -27.16 -1.20 1.80
N TYR A 120 -27.09 -1.88 2.92
CA TYR A 120 -26.18 -3.00 3.08
C TYR A 120 -26.31 -3.99 1.92
N SER A 121 -27.51 -4.14 1.38
CA SER A 121 -27.75 -5.02 0.24
C SER A 121 -27.17 -4.41 -1.03
N THR A 122 -27.44 -3.12 -1.23
CA THR A 122 -26.95 -2.39 -2.40
C THR A 122 -25.43 -2.31 -2.37
N ILE A 123 -24.89 -2.32 -1.17
CA ILE A 123 -23.44 -2.33 -1.01
C ILE A 123 -22.88 -3.68 -1.39
N ILE A 124 -23.32 -4.70 -0.65
CA ILE A 124 -22.81 -6.05 -0.80
C ILE A 124 -22.84 -6.53 -2.27
N SER A 125 -23.82 -6.10 -3.03
CA SER A 125 -23.92 -6.51 -4.43
C SER A 125 -22.95 -5.75 -5.33
N HIS A 126 -22.66 -4.51 -4.96
CA HIS A 126 -21.86 -3.63 -5.80
C HIS A 126 -20.41 -3.72 -5.42
N THR A 127 -20.11 -4.65 -4.51
CA THR A 127 -18.73 -4.87 -4.06
C THR A 127 -18.22 -6.30 -4.30
N GLU A 128 -16.91 -6.42 -4.35
CA GLU A 128 -16.29 -7.69 -4.68
C GLU A 128 -16.38 -8.56 -3.48
N VAL A 129 -16.28 -9.87 -3.70
CA VAL A 129 -16.36 -10.83 -2.61
C VAL A 129 -15.35 -10.51 -1.52
N ALA A 130 -14.12 -10.22 -1.89
CA ALA A 130 -13.11 -10.00 -0.88
C ALA A 130 -13.54 -8.97 0.15
N PHE A 131 -14.37 -8.03 -0.28
CA PHE A 131 -14.76 -6.92 0.55
C PHE A 131 -16.01 -7.25 1.34
N ASN A 132 -16.76 -8.23 0.85
CA ASN A 132 -17.89 -8.74 1.59
C ASN A 132 -17.40 -9.54 2.78
N ASN A 133 -16.52 -10.50 2.56
CA ASN A 133 -16.00 -11.35 3.65
C ASN A 133 -15.51 -10.47 4.74
N LEU A 134 -15.55 -9.16 4.50
CA LEU A 134 -14.95 -8.13 5.36
C LEU A 134 -16.00 -7.24 6.04
N LEU A 135 -16.83 -6.60 5.24
CA LEU A 135 -17.90 -5.82 5.77
C LEU A 135 -18.81 -6.68 6.65
N SER A 136 -19.23 -7.83 6.12
CA SER A 136 -20.04 -8.78 6.87
C SER A 136 -19.34 -9.12 8.18
N LEU A 137 -18.04 -9.34 8.09
CA LEU A 137 -17.28 -9.71 9.27
C LEU A 137 -17.38 -8.62 10.36
N ALA A 138 -17.49 -7.38 9.90
CA ALA A 138 -17.66 -6.24 10.79
C ALA A 138 -19.04 -6.25 11.39
N GLN A 139 -20.07 -6.28 10.54
CA GLN A 139 -21.43 -6.35 11.03
C GLN A 139 -21.65 -7.48 12.03
N GLU A 140 -21.20 -8.67 11.68
CA GLU A 140 -21.22 -9.76 12.63
C GLU A 140 -20.94 -9.21 14.04
N LEU A 141 -20.11 -8.19 14.13
CA LEU A 141 -19.64 -7.67 15.42
C LEU A 141 -20.47 -6.47 15.85
N VAL A 142 -20.84 -5.61 14.90
CA VAL A 142 -21.66 -4.43 15.21
C VAL A 142 -22.94 -4.83 15.86
N VAL A 143 -23.58 -5.87 15.32
CA VAL A 143 -24.83 -6.37 15.85
C VAL A 143 -24.58 -7.22 17.08
N ARG A 144 -23.60 -8.12 16.98
CA ARG A 144 -23.38 -9.06 18.06
C ARG A 144 -23.46 -8.21 19.35
N LEU A 145 -22.96 -6.98 19.25
CA LEU A 145 -22.53 -6.14 20.35
C LEU A 145 -23.55 -5.10 20.75
N ARG A 146 -24.28 -4.56 19.79
CA ARG A 146 -25.39 -3.67 20.07
C ARG A 146 -26.33 -4.44 21.02
N SER A 147 -26.34 -5.76 20.83
CA SER A 147 -27.14 -6.66 21.63
C SER A 147 -26.73 -6.60 23.09
N LEU A 148 -25.44 -6.38 23.32
CA LEU A 148 -24.90 -6.31 24.68
C LEU A 148 -25.00 -4.92 25.29
N GLN A 149 -25.94 -4.12 24.80
CA GLN A 149 -26.27 -2.79 25.35
C GLN A 149 -25.06 -1.89 25.46
N PHE A 150 -24.53 -1.47 24.32
CA PHE A 150 -23.27 -0.72 24.29
C PHE A 150 -23.48 0.75 23.90
N ASP A 151 -22.68 1.65 24.45
CA ASP A 151 -22.77 3.06 24.08
C ASP A 151 -21.52 3.89 24.39
N GLN A 152 -21.58 5.16 23.99
CA GLN A 152 -20.45 6.08 24.04
C GLN A 152 -19.57 6.02 25.27
N ARG A 153 -20.11 5.53 26.37
CA ARG A 153 -19.32 5.44 27.57
C ARG A 153 -18.27 4.33 27.47
N GLU A 154 -18.71 3.09 27.29
CA GLU A 154 -17.77 2.00 27.18
C GLU A 154 -16.97 2.11 25.87
N PHE A 155 -17.50 2.86 24.92
CA PHE A 155 -16.84 3.06 23.63
C PHE A 155 -15.45 3.67 23.80
N VAL A 156 -15.42 4.89 24.35
CA VAL A 156 -14.18 5.65 24.51
C VAL A 156 -13.20 4.95 25.44
N CYS A 157 -13.76 4.12 26.31
CA CYS A 157 -12.93 3.28 27.17
C CYS A 157 -12.11 2.40 26.27
N LEU A 158 -12.81 1.79 25.31
CA LEU A 158 -12.18 0.86 24.41
C LEU A 158 -11.12 1.52 23.53
N LYS A 159 -11.45 2.68 22.96
CA LYS A 159 -10.53 3.41 22.11
C LYS A 159 -9.17 3.53 22.76
N PHE A 160 -9.16 3.94 24.02
CA PHE A 160 -7.91 4.08 24.74
C PHE A 160 -7.25 2.72 24.94
N LEU A 161 -8.09 1.72 25.19
CA LEU A 161 -7.59 0.37 25.45
C LEU A 161 -6.82 -0.17 24.26
N VAL A 162 -7.31 0.12 23.06
CA VAL A 162 -6.71 -0.31 21.80
C VAL A 162 -5.45 0.47 21.54
N LEU A 163 -5.61 1.78 21.68
CA LEU A 163 -4.54 2.74 21.49
C LEU A 163 -3.35 2.51 22.41
N PHE A 164 -3.63 2.09 23.65
CA PHE A 164 -2.56 1.95 24.62
C PHE A 164 -2.20 0.51 24.93
N SER A 165 -2.26 -0.37 23.92
CA SER A 165 -1.96 -1.78 24.14
C SER A 165 -0.51 -1.96 24.57
N SER A 166 -0.30 -2.57 25.72
CA SER A 166 1.04 -2.76 26.28
C SER A 166 1.84 -3.75 25.44
N ASP A 167 1.13 -4.45 24.55
CA ASP A 167 1.75 -5.49 23.73
C ASP A 167 2.44 -4.92 22.51
N VAL A 168 3.37 -3.99 22.74
CA VAL A 168 4.11 -3.34 21.67
C VAL A 168 5.54 -3.85 21.65
N LYS A 169 6.50 -2.95 21.83
CA LYS A 169 7.89 -3.35 21.83
C LYS A 169 8.83 -2.24 22.32
N ASN A 170 9.38 -1.50 21.37
CA ASN A 170 10.36 -0.49 21.69
C ASN A 170 9.70 0.81 22.10
N LEU A 171 9.96 1.26 23.33
CA LEU A 171 9.54 2.58 23.78
C LEU A 171 10.08 2.79 25.16
N GLU A 172 10.17 4.04 25.62
CA GLU A 172 10.76 4.30 26.92
C GLU A 172 9.66 4.33 27.98
N ASN A 173 8.70 5.21 27.75
CA ASN A 173 7.58 5.35 28.66
C ASN A 173 6.66 4.16 28.53
N LEU A 174 7.21 2.98 28.79
CA LEU A 174 6.43 1.77 28.83
C LEU A 174 5.57 1.81 30.08
N GLN A 175 6.08 2.47 31.12
CA GLN A 175 5.38 2.56 32.39
C GLN A 175 4.03 3.27 32.24
N LEU A 176 3.97 4.25 31.34
CA LEU A 176 2.76 5.04 31.15
C LEU A 176 1.65 4.18 30.59
N VAL A 177 1.98 3.40 29.57
CA VAL A 177 1.00 2.48 29.01
C VAL A 177 0.67 1.35 30.02
N GLU A 178 1.70 0.85 30.69
CA GLU A 178 1.48 -0.09 31.76
C GLU A 178 0.36 0.48 32.64
N GLY A 179 0.49 1.75 33.00
CA GLY A 179 -0.45 2.39 33.89
C GLY A 179 -1.86 2.45 33.34
N VAL A 180 -2.02 3.17 32.25
CA VAL A 180 -3.34 3.39 31.65
C VAL A 180 -4.00 2.08 31.21
N GLN A 181 -3.20 1.10 30.81
CA GLN A 181 -3.73 -0.20 30.43
C GLN A 181 -4.43 -0.88 31.62
N GLU A 182 -3.90 -0.66 32.81
CA GLU A 182 -4.47 -1.23 34.03
C GLU A 182 -5.39 -0.23 34.74
N GLN A 183 -5.15 1.05 34.49
CA GLN A 183 -5.94 2.13 35.04
C GLN A 183 -7.27 2.28 34.33
N VAL A 184 -7.35 1.81 33.08
CA VAL A 184 -8.60 1.87 32.32
C VAL A 184 -9.36 0.54 32.39
N ASN A 185 -8.62 -0.55 32.56
CA ASN A 185 -9.24 -1.84 32.81
C ASN A 185 -10.11 -1.77 34.06
N ALA A 186 -9.56 -1.19 35.11
CA ALA A 186 -10.29 -1.01 36.34
C ALA A 186 -11.42 0.00 36.17
N ALA A 187 -11.09 1.14 35.56
CA ALA A 187 -12.06 2.23 35.40
C ALA A 187 -13.30 1.76 34.67
N LEU A 188 -13.11 0.82 33.75
CA LEU A 188 -14.21 0.27 32.98
C LEU A 188 -15.01 -0.69 33.84
N LEU A 189 -14.29 -1.56 34.54
CA LEU A 189 -14.91 -2.57 35.37
C LEU A 189 -15.98 -1.99 36.30
N ASP A 190 -15.70 -0.84 36.89
CA ASP A 190 -16.67 -0.16 37.75
C ASP A 190 -17.94 0.16 36.98
N TYR A 191 -17.78 0.84 35.84
CA TYR A 191 -18.93 1.26 35.03
C TYR A 191 -19.80 0.09 34.58
N THR A 192 -19.20 -1.08 34.41
CA THR A 192 -19.88 -2.30 33.94
C THR A 192 -21.23 -2.59 34.61
N VAL A 193 -21.21 -2.63 35.94
CA VAL A 193 -22.40 -2.96 36.69
C VAL A 193 -23.10 -1.69 37.16
N CYS A 194 -22.34 -0.61 37.27
CA CYS A 194 -22.84 0.67 37.79
C CYS A 194 -24.09 1.19 37.09
N ASN A 195 -23.94 1.58 35.82
CA ASN A 195 -25.04 2.17 35.06
C ASN A 195 -25.78 1.12 34.19
N TYR A 196 -25.71 -0.15 34.59
CA TYR A 196 -26.33 -1.26 33.85
C TYR A 196 -26.85 -2.40 34.77
N PRO A 197 -27.97 -3.04 34.36
CA PRO A 197 -28.92 -3.97 35.03
C PRO A 197 -28.54 -5.42 35.43
N GLN A 198 -28.26 -6.31 34.47
CA GLN A 198 -27.77 -7.66 34.75
C GLN A 198 -26.95 -8.11 33.57
N GLN A 199 -25.65 -7.86 33.63
CA GLN A 199 -24.78 -8.28 32.56
C GLN A 199 -23.78 -9.28 33.13
N THR A 200 -23.31 -8.96 34.34
CA THR A 200 -22.47 -9.85 35.15
C THR A 200 -21.07 -10.08 34.60
N GLU A 201 -21.02 -10.58 33.37
CA GLU A 201 -19.75 -10.88 32.74
C GLU A 201 -19.53 -9.95 31.57
N LYS A 202 -20.28 -8.86 31.51
CA LYS A 202 -20.19 -7.88 30.41
C LYS A 202 -18.77 -7.35 30.17
N PHE A 203 -18.08 -7.02 31.26
CA PHE A 203 -16.70 -6.60 31.15
C PHE A 203 -15.89 -7.64 30.37
N GLY A 204 -15.96 -8.89 30.81
CA GLY A 204 -15.23 -9.97 30.15
C GLY A 204 -15.62 -10.08 28.69
N GLN A 205 -16.86 -9.71 28.39
CA GLN A 205 -17.37 -9.83 27.02
C GLN A 205 -16.82 -8.74 26.15
N LEU A 206 -16.87 -7.52 26.64
CA LEU A 206 -16.29 -6.39 25.93
C LEU A 206 -14.78 -6.64 25.73
N LEU A 207 -14.07 -6.94 26.80
CA LEU A 207 -12.63 -7.22 26.73
C LEU A 207 -12.35 -8.42 25.82
N LEU A 208 -13.40 -9.15 25.48
CA LEU A 208 -13.29 -10.37 24.69
C LEU A 208 -13.38 -10.05 23.17
N ARG A 209 -14.16 -9.04 22.85
CA ARG A 209 -14.35 -8.67 21.46
C ARG A 209 -13.15 -7.89 20.89
N LEU A 210 -12.09 -7.76 21.66
CA LEU A 210 -10.91 -7.05 21.20
C LEU A 210 -10.11 -7.80 20.14
N PRO A 211 -9.65 -9.03 20.46
CA PRO A 211 -8.92 -9.79 19.43
C PRO A 211 -9.82 -10.06 18.22
N GLU A 212 -11.12 -10.16 18.48
CA GLU A 212 -12.07 -10.39 17.40
C GLU A 212 -12.12 -9.17 16.50
N LEU A 213 -11.35 -8.14 16.85
CA LEU A 213 -11.27 -6.94 16.03
C LEU A 213 -9.83 -6.75 15.55
N ARG A 214 -8.86 -7.15 16.36
CA ARG A 214 -7.51 -7.23 15.89
C ARG A 214 -7.45 -8.19 14.72
N ALA A 215 -8.42 -9.08 14.64
CA ALA A 215 -8.51 -10.08 13.58
C ALA A 215 -9.20 -9.55 12.33
N ILE A 216 -10.29 -8.82 12.50
CA ILE A 216 -10.91 -8.13 11.39
C ILE A 216 -9.96 -7.11 10.80
N SER A 217 -8.99 -6.65 11.59
CA SER A 217 -8.04 -5.67 11.12
C SER A 217 -7.12 -6.30 10.12
N LYS A 218 -6.36 -7.32 10.52
CA LYS A 218 -5.40 -7.94 9.61
C LYS A 218 -6.01 -8.20 8.25
N GLN A 219 -7.19 -8.77 8.25
CA GLN A 219 -7.85 -9.11 6.99
C GLN A 219 -8.21 -7.89 6.19
N ALA A 220 -8.42 -6.77 6.88
CA ALA A 220 -8.75 -5.52 6.24
C ALA A 220 -7.49 -4.95 5.59
N GLU A 221 -6.37 -5.07 6.28
CA GLU A 221 -5.12 -4.56 5.74
C GLU A 221 -4.78 -5.36 4.52
N ASP A 222 -4.78 -6.68 4.65
CA ASP A 222 -4.49 -7.53 3.51
C ASP A 222 -5.31 -7.14 2.30
N TYR A 223 -6.52 -6.66 2.53
CA TYR A 223 -7.36 -6.21 1.45
C TYR A 223 -6.82 -4.92 0.87
N LEU A 224 -6.50 -3.99 1.75
CA LEU A 224 -5.90 -2.74 1.29
C LEU A 224 -4.68 -3.03 0.41
N TYR A 225 -3.75 -3.87 0.88
CA TYR A 225 -2.54 -4.17 0.16
C TYR A 225 -2.94 -4.70 -1.18
N TYR A 226 -3.84 -5.67 -1.20
CA TYR A 226 -4.31 -6.21 -2.46
C TYR A 226 -4.86 -5.19 -3.42
N LYS A 227 -5.62 -4.21 -2.93
CA LYS A 227 -6.20 -3.19 -3.79
C LYS A 227 -5.14 -2.19 -4.17
N HIS A 228 -4.17 -2.02 -3.29
CA HIS A 228 -3.08 -1.11 -3.51
C HIS A 228 -2.23 -1.58 -4.64
N VAL A 229 -1.89 -2.86 -4.60
CA VAL A 229 -1.06 -3.53 -5.59
C VAL A 229 -1.74 -3.66 -6.95
N ASN A 230 -3.04 -3.45 -7.02
CA ASN A 230 -3.73 -3.36 -8.30
C ASN A 230 -3.74 -1.92 -8.82
N GLY A 231 -3.17 -1.02 -8.03
CA GLY A 231 -3.09 0.39 -8.38
C GLY A 231 -4.33 1.20 -8.06
N ASP A 232 -5.33 0.53 -7.49
CA ASP A 232 -6.63 1.12 -7.32
C ASP A 232 -6.62 2.15 -6.22
N VAL A 233 -5.57 2.15 -5.40
CA VAL A 233 -5.47 3.05 -4.25
C VAL A 233 -4.77 4.33 -4.64
N PRO A 234 -5.36 5.48 -4.26
CA PRO A 234 -4.94 6.85 -4.61
C PRO A 234 -3.49 7.12 -4.30
N TYR A 235 -2.95 8.21 -4.86
CA TYR A 235 -1.51 8.40 -4.85
C TYR A 235 -0.86 8.57 -3.50
N ASN A 236 -1.16 9.68 -2.83
CA ASN A 236 -0.50 9.90 -1.57
C ASN A 236 -1.29 9.34 -0.40
N ASN A 237 -2.10 8.31 -0.65
CA ASN A 237 -2.97 7.78 0.39
C ASN A 237 -2.26 7.43 1.69
N LEU A 238 -2.95 7.65 2.79
CA LEU A 238 -2.41 7.57 4.14
C LEU A 238 -2.44 6.16 4.70
N LEU A 239 -3.47 5.42 4.35
CA LEU A 239 -3.59 4.06 4.84
C LEU A 239 -2.43 3.21 4.33
N ILE A 240 -2.20 3.23 3.03
CA ILE A 240 -1.12 2.42 2.47
C ILE A 240 0.18 2.89 3.05
N GLU A 241 0.24 4.16 3.39
CA GLU A 241 1.45 4.67 3.97
C GLU A 241 1.59 4.02 5.32
N MET A 242 0.52 4.09 6.10
CA MET A 242 0.49 3.56 7.46
C MET A 242 0.76 2.08 7.49
N LEU A 243 0.50 1.44 6.37
CA LEU A 243 0.58 0.01 6.26
C LEU A 243 2.02 -0.39 6.07
N HIS A 244 2.79 0.38 5.29
CA HIS A 244 4.20 0.07 5.01
C HIS A 244 5.15 0.28 6.19
N ALA A 245 4.82 1.25 7.02
CA ALA A 245 5.57 1.47 8.24
C ALA A 245 5.43 0.30 9.21
N LYS A 246 4.19 -0.17 9.39
CA LYS A 246 3.84 -1.27 10.32
C LYS A 246 4.22 -2.65 9.76
N ARG A 247 3.87 -2.87 8.50
CA ARG A 247 4.08 -4.14 7.81
C ARG A 247 5.54 -4.53 7.84
N ALA A 248 6.36 -3.77 7.11
CA ALA A 248 7.80 -4.02 7.05
C ALA A 248 8.61 -2.91 7.74
N LYS B 47 17.44 39.75 -18.70
CA LYS B 47 18.04 40.11 -17.40
C LYS B 47 17.75 39.08 -16.29
N ASP B 48 18.06 39.43 -15.04
CA ASP B 48 18.06 38.44 -13.97
C ASP B 48 16.99 38.66 -12.92
N PRO B 49 16.98 39.83 -12.30
CA PRO B 49 16.36 40.02 -10.99
C PRO B 49 14.90 39.59 -10.86
N GLN B 50 13.97 40.28 -11.50
CA GLN B 50 12.58 40.10 -11.18
C GLN B 50 12.14 38.75 -11.65
N VAL B 51 12.57 38.38 -12.86
CA VAL B 51 12.10 37.15 -13.47
C VAL B 51 12.60 35.89 -12.77
N VAL B 52 13.91 35.80 -12.53
CA VAL B 52 14.42 34.62 -11.86
C VAL B 52 13.86 34.50 -10.45
N CYS B 53 13.77 35.63 -9.76
CA CYS B 53 13.25 35.64 -8.40
C CYS B 53 11.82 35.14 -8.41
N GLU B 54 11.10 35.47 -9.47
CA GLU B 54 9.74 35.00 -9.66
C GLU B 54 9.70 33.50 -9.90
N ALA B 55 10.50 33.03 -10.85
CA ALA B 55 10.58 31.60 -11.10
C ALA B 55 11.13 30.87 -9.88
N ALA B 56 11.93 31.56 -9.09
CA ALA B 56 12.50 30.94 -7.89
C ALA B 56 11.44 30.80 -6.83
N SER B 57 10.67 31.87 -6.67
CA SER B 57 9.57 31.91 -5.73
C SER B 57 8.50 30.87 -6.08
N ALA B 58 8.17 30.77 -7.36
CA ALA B 58 7.27 29.74 -7.85
C ALA B 58 7.79 28.39 -7.42
N GLY B 59 9.10 28.19 -7.55
CA GLY B 59 9.74 26.95 -7.15
C GLY B 59 9.53 26.62 -5.69
N LEU B 60 9.56 27.64 -4.84
CA LEU B 60 9.36 27.42 -3.41
C LEU B 60 7.97 26.86 -3.11
N LEU B 61 6.96 27.42 -3.74
CA LEU B 61 5.61 26.90 -3.57
C LEU B 61 5.54 25.42 -3.93
N LYS B 62 5.96 25.09 -5.15
CA LYS B 62 5.89 23.72 -5.64
C LYS B 62 6.59 22.79 -4.68
N THR B 63 7.62 23.31 -4.01
CA THR B 63 8.41 22.50 -3.09
C THR B 63 7.56 22.15 -1.90
N LEU B 64 6.99 23.18 -1.27
CA LEU B 64 6.19 23.01 -0.07
C LEU B 64 4.91 22.23 -0.31
N ARG B 65 4.22 22.53 -1.40
CA ARG B 65 3.11 21.70 -1.83
C ARG B 65 3.53 20.22 -1.84
N PHE B 66 4.69 19.91 -2.42
CA PHE B 66 5.14 18.55 -2.52
C PHE B 66 5.24 17.94 -1.16
N VAL B 67 5.99 18.61 -0.28
CA VAL B 67 6.24 18.12 1.08
C VAL B 67 4.94 17.99 1.84
N LYS B 68 4.18 19.08 1.86
CA LYS B 68 2.96 19.19 2.62
C LYS B 68 2.02 18.00 2.41
N TYR B 69 1.92 17.50 1.17
CA TYR B 69 0.97 16.44 0.85
C TYR B 69 1.45 15.05 1.17
N LEU B 70 2.74 14.91 1.50
CA LEU B 70 3.25 13.62 1.89
C LEU B 70 2.55 13.08 3.12
N PRO B 71 2.01 11.86 3.04
CA PRO B 71 1.24 11.28 4.16
C PRO B 71 2.13 11.16 5.37
N CYS B 72 3.26 10.48 5.21
CA CYS B 72 4.26 10.37 6.24
C CYS B 72 4.66 11.71 6.87
N PHE B 73 4.42 12.82 6.16
CA PHE B 73 4.69 14.15 6.68
C PHE B 73 3.50 14.77 7.36
N GLN B 74 2.36 14.83 6.69
CA GLN B 74 1.22 15.60 7.21
C GLN B 74 0.71 14.96 8.46
N ILE B 75 1.19 13.75 8.72
CA ILE B 75 0.80 13.03 9.91
C ILE B 75 1.56 13.50 11.14
N LEU B 76 2.55 14.34 10.93
CA LEU B 76 3.32 14.88 12.03
C LEU B 76 2.67 16.11 12.64
N PRO B 77 2.97 16.37 13.91
CA PRO B 77 2.55 17.58 14.63
C PRO B 77 3.16 18.82 14.00
N LEU B 78 2.59 19.99 14.25
CA LEU B 78 3.10 21.16 13.56
C LEU B 78 4.51 21.52 13.98
N ASP B 79 4.78 21.54 15.28
CA ASP B 79 6.12 21.85 15.77
C ASP B 79 7.19 21.07 15.00
N GLN B 80 6.93 19.79 14.77
CA GLN B 80 7.87 18.91 14.10
C GLN B 80 7.88 19.12 12.60
N GLN B 81 6.71 19.23 12.00
CA GLN B 81 6.61 19.61 10.58
C GLN B 81 7.42 20.87 10.32
N LEU B 82 7.30 21.84 11.23
CA LEU B 82 7.90 23.13 11.06
C LEU B 82 9.41 22.99 11.06
N VAL B 83 9.94 22.20 12.00
CA VAL B 83 11.38 21.96 12.07
C VAL B 83 11.92 21.51 10.72
N LEU B 84 11.48 20.33 10.29
CA LEU B 84 11.93 19.76 9.05
C LEU B 84 12.03 20.84 7.99
N VAL B 85 10.90 21.47 7.74
CA VAL B 85 10.82 22.47 6.72
C VAL B 85 11.73 23.70 6.97
N ARG B 86 11.88 24.10 8.22
CA ARG B 86 12.68 25.28 8.49
C ARG B 86 14.14 25.05 8.17
N SER B 87 14.48 23.82 7.79
CA SER B 87 15.87 23.52 7.42
C SER B 87 15.98 23.11 5.97
N CYS B 88 15.25 22.06 5.64
CA CYS B 88 15.35 21.43 4.34
C CYS B 88 14.89 22.32 3.21
N TRP B 89 14.16 23.38 3.52
CA TRP B 89 13.56 24.23 2.48
C TRP B 89 14.59 24.73 1.50
N ALA B 90 15.77 25.03 2.01
CA ALA B 90 16.84 25.53 1.19
C ALA B 90 17.38 24.48 0.20
N PRO B 91 17.80 23.32 0.72
CA PRO B 91 18.27 22.26 -0.17
C PRO B 91 17.20 21.84 -1.15
N LEU B 92 15.99 21.61 -0.64
CA LEU B 92 14.84 21.20 -1.42
C LEU B 92 14.51 22.15 -2.55
N LEU B 93 14.56 23.44 -2.27
CA LEU B 93 14.36 24.43 -3.34
C LEU B 93 15.38 24.22 -4.43
N MET B 94 16.63 24.00 -4.04
CA MET B 94 17.71 23.83 -5.00
C MET B 94 17.47 22.60 -5.87
N LEU B 95 16.98 21.58 -5.22
CA LEU B 95 16.71 20.34 -5.87
C LEU B 95 15.55 20.50 -6.90
N GLU B 96 14.59 21.35 -6.59
CA GLU B 96 13.50 21.63 -7.52
C GLU B 96 13.98 22.41 -8.71
N LEU B 97 14.73 23.46 -8.45
CA LEU B 97 15.20 24.36 -9.51
C LEU B 97 16.10 23.62 -10.51
N ALA B 98 16.90 22.68 -10.01
CA ALA B 98 17.74 21.90 -10.89
C ALA B 98 16.81 21.15 -11.81
N GLN B 99 15.74 20.61 -11.25
CA GLN B 99 14.79 19.75 -11.97
C GLN B 99 14.07 20.51 -13.09
N ASP B 100 13.69 21.75 -12.81
CA ASP B 100 13.03 22.56 -13.81
C ASP B 100 14.05 23.20 -14.72
N HIS B 101 15.29 22.72 -14.64
CA HIS B 101 16.40 23.26 -15.41
C HIS B 101 16.37 24.79 -15.41
N LEU B 102 16.61 25.38 -14.24
CA LEU B 102 16.63 26.82 -14.12
C LEU B 102 17.92 27.33 -14.72
N HIS B 103 17.80 28.20 -15.72
CA HIS B 103 18.96 28.80 -16.36
C HIS B 103 19.00 30.24 -15.93
N PHE B 104 19.79 30.51 -14.91
CA PHE B 104 20.03 31.88 -14.51
C PHE B 104 21.52 32.22 -14.57
N GLU B 105 21.82 33.51 -14.73
CA GLU B 105 23.18 34.02 -14.69
C GLU B 105 23.10 35.46 -14.17
N MET B 106 23.80 35.74 -13.09
CA MET B 106 23.72 37.07 -12.50
C MET B 106 25.08 37.72 -12.59
N MET B 107 25.26 38.61 -13.57
CA MET B 107 26.47 39.43 -13.69
C MET B 107 26.48 40.49 -12.59
N GLU B 108 27.66 41.01 -12.26
CA GLU B 108 27.75 41.97 -11.18
C GLU B 108 28.53 43.20 -11.64
N ILE B 109 28.20 43.69 -12.83
CA ILE B 109 28.87 44.86 -13.40
C ILE B 109 28.62 46.13 -12.57
N HIS B 149 25.29 45.19 -0.32
CA HIS B 149 25.08 43.81 0.05
C HIS B 149 24.40 43.06 -1.11
N LEU B 150 25.03 43.08 -2.29
CA LEU B 150 24.49 42.42 -3.47
C LEU B 150 25.52 41.55 -4.19
N LEU B 151 26.42 40.96 -3.39
CA LEU B 151 27.30 39.91 -3.86
C LEU B 151 28.05 39.28 -2.69
N PRO B 152 28.18 37.94 -2.72
CA PRO B 152 29.25 37.09 -2.17
C PRO B 152 29.87 36.47 -3.40
N ALA B 153 30.78 35.52 -3.27
CA ALA B 153 31.65 35.31 -4.41
C ALA B 153 31.57 33.90 -5.00
N ALA B 154 31.83 32.92 -4.16
CA ALA B 154 31.99 31.56 -4.60
C ALA B 154 30.73 30.94 -4.19
N ALA B 155 30.00 31.71 -3.38
CA ALA B 155 28.76 31.24 -2.83
C ALA B 155 27.78 30.99 -3.96
N VAL B 156 27.66 31.97 -4.84
CA VAL B 156 26.79 31.87 -6.00
C VAL B 156 27.39 30.87 -7.01
N GLN B 157 28.60 30.40 -6.74
CA GLN B 157 29.20 29.43 -7.62
C GLN B 157 28.66 28.08 -7.24
N ALA B 158 28.66 27.79 -5.94
CA ALA B 158 28.23 26.49 -5.43
C ALA B 158 26.94 26.06 -6.06
N ILE B 159 26.08 27.05 -6.31
CA ILE B 159 24.74 26.81 -6.82
C ILE B 159 24.85 26.31 -8.25
N LYS B 160 25.54 27.06 -9.09
CA LYS B 160 25.74 26.63 -10.47
C LYS B 160 26.37 25.25 -10.51
N SER B 161 27.57 25.11 -9.94
CA SER B 161 28.25 23.82 -9.85
C SER B 161 27.25 22.69 -9.56
N PHE B 162 26.47 22.85 -8.50
CA PHE B 162 25.46 21.86 -8.16
C PHE B 162 24.49 21.63 -9.32
N PHE B 163 23.88 22.69 -9.83
CA PHE B 163 22.92 22.55 -10.91
C PHE B 163 23.53 21.68 -12.01
N PHE B 164 24.68 22.10 -12.49
CA PHE B 164 25.34 21.39 -13.57
C PHE B 164 25.57 19.94 -13.21
N LYS B 165 26.08 19.67 -12.02
CA LYS B 165 26.28 18.29 -11.64
C LYS B 165 25.01 17.48 -11.82
N CYS B 166 23.88 18.05 -11.41
CA CYS B 166 22.60 17.34 -11.50
C CYS B 166 22.30 17.06 -12.95
N TRP B 167 22.49 18.08 -13.76
CA TRP B 167 22.15 17.99 -15.16
C TRP B 167 23.00 16.95 -15.85
N SER B 168 24.30 17.03 -15.63
CA SER B 168 25.25 16.09 -16.23
C SER B 168 24.96 14.65 -15.80
N LEU B 169 24.13 14.47 -14.78
CA LEU B 169 23.80 13.14 -14.27
C LEU B 169 22.43 12.59 -14.77
N ASN B 170 21.69 13.43 -15.50
CA ASN B 170 20.43 13.04 -16.14
C ASN B 170 19.43 12.40 -15.19
N ILE B 171 19.10 13.12 -14.14
CA ILE B 171 18.21 12.61 -13.11
C ILE B 171 16.72 12.61 -13.52
N ASP B 172 16.07 11.45 -13.40
CA ASP B 172 14.66 11.35 -13.71
C ASP B 172 13.79 11.84 -12.56
N THR B 173 12.54 12.16 -12.87
CA THR B 173 11.65 12.76 -11.89
C THR B 173 11.58 11.87 -10.66
N LYS B 174 11.70 10.57 -10.89
CA LYS B 174 11.61 9.61 -9.81
C LYS B 174 12.75 9.78 -8.80
N GLU B 175 13.99 9.77 -9.28
CA GLU B 175 15.19 9.97 -8.43
C GLU B 175 15.15 11.32 -7.71
N TYR B 176 14.87 12.37 -8.46
CA TYR B 176 14.71 13.67 -7.83
C TYR B 176 13.84 13.53 -6.60
N ALA B 177 12.67 12.90 -6.76
CA ALA B 177 11.70 12.77 -5.69
C ALA B 177 12.28 12.09 -4.46
N TYR B 178 13.14 11.09 -4.66
CA TYR B 178 13.74 10.40 -3.54
C TYR B 178 14.87 11.21 -2.98
N LEU B 179 15.54 11.96 -3.84
CA LEU B 179 16.58 12.87 -3.37
C LEU B 179 16.00 13.87 -2.41
N LYS B 180 14.89 14.47 -2.80
CA LYS B 180 14.24 15.42 -1.94
C LYS B 180 13.91 14.71 -0.64
N GLY B 181 13.58 13.43 -0.77
CA GLY B 181 13.15 12.67 0.39
C GLY B 181 14.29 12.48 1.35
N THR B 182 15.47 12.24 0.78
CA THR B 182 16.70 12.07 1.55
C THR B 182 17.05 13.31 2.37
N VAL B 183 16.93 14.48 1.74
CA VAL B 183 17.12 15.74 2.42
C VAL B 183 16.08 15.93 3.50
N LEU B 184 14.82 15.70 3.14
CA LEU B 184 13.69 16.05 3.99
C LEU B 184 13.71 15.28 5.29
N PHE B 185 13.82 13.97 5.15
CA PHE B 185 13.89 13.08 6.29
C PHE B 185 15.32 12.93 6.74
N ASN B 186 15.80 13.94 7.44
CA ASN B 186 17.14 13.92 8.01
C ASN B 186 17.07 13.90 9.53
N PRO B 187 17.30 12.74 10.15
CA PRO B 187 17.17 12.52 11.59
C PRO B 187 18.12 13.38 12.45
N ASP B 188 19.16 13.92 11.81
CA ASP B 188 20.20 14.67 12.51
C ASP B 188 19.79 16.11 12.81
N LEU B 189 18.88 16.64 12.00
CA LEU B 189 18.35 17.99 12.22
C LEU B 189 18.12 18.26 13.71
N PRO B 190 18.64 19.37 14.20
CA PRO B 190 18.52 19.69 15.63
C PRO B 190 17.11 20.19 15.93
N GLY B 191 16.51 19.77 17.03
CA GLY B 191 15.15 20.19 17.38
C GLY B 191 14.08 19.12 17.19
N LEU B 192 14.42 18.07 16.44
CA LEU B 192 13.53 16.94 16.25
C LEU B 192 13.28 16.23 17.57
N GLN B 193 12.10 15.65 17.69
CA GLN B 193 11.79 14.84 18.85
C GLN B 193 11.28 13.51 18.35
N CYS B 194 11.13 13.42 17.03
CA CYS B 194 10.65 12.22 16.37
C CYS B 194 11.77 11.55 15.62
N VAL B 195 12.97 11.59 16.19
CA VAL B 195 14.15 11.01 15.56
C VAL B 195 13.89 9.61 14.98
N LYS B 196 13.41 8.68 15.82
CA LYS B 196 13.26 7.30 15.40
C LYS B 196 12.28 7.15 14.26
N TYR B 197 11.22 7.96 14.26
CA TYR B 197 10.21 7.90 13.22
C TYR B 197 10.78 8.19 11.86
N ILE B 198 11.61 9.23 11.82
CA ILE B 198 12.28 9.66 10.60
C ILE B 198 13.39 8.69 10.17
N GLU B 199 14.05 8.08 11.15
CA GLU B 199 15.00 7.01 10.86
C GLU B 199 14.39 6.11 9.79
N GLY B 200 13.26 5.50 10.13
CA GLY B 200 12.60 4.56 9.26
C GLY B 200 12.17 5.14 7.93
N LEU B 201 11.78 6.41 7.96
CA LEU B 201 11.37 7.11 6.75
C LEU B 201 12.54 7.25 5.77
N GLN B 202 13.68 7.71 6.27
CA GLN B 202 14.88 7.74 5.47
C GLN B 202 15.21 6.33 4.97
N TRP B 203 15.16 5.36 5.88
CA TRP B 203 15.41 3.98 5.50
C TRP B 203 14.61 3.60 4.28
N ARG B 204 13.28 3.67 4.38
CA ARG B 204 12.39 3.38 3.26
C ARG B 204 12.69 4.21 2.05
N THR B 205 13.07 5.47 2.28
CA THR B 205 13.46 6.37 1.21
C THR B 205 14.60 5.79 0.38
N GLN B 206 15.64 5.30 1.05
CA GLN B 206 16.76 4.64 0.39
C GLN B 206 16.31 3.31 -0.21
N GLN B 207 15.38 2.66 0.47
CA GLN B 207 14.87 1.37 0.06
C GLN B 207 14.20 1.44 -1.29
N ILE B 208 13.20 2.30 -1.39
CA ILE B 208 12.44 2.49 -2.61
C ILE B 208 13.31 3.05 -3.73
N LEU B 209 14.42 3.69 -3.35
CA LEU B 209 15.38 4.22 -4.31
C LEU B 209 16.30 3.12 -4.85
N THR B 210 16.99 2.42 -3.96
CA THR B 210 17.79 1.27 -4.34
C THR B 210 17.01 0.33 -5.26
N GLU B 211 15.71 0.22 -4.98
CA GLU B 211 14.80 -0.57 -5.79
C GLU B 211 14.63 0.03 -7.19
N HIS B 212 14.30 1.32 -7.25
CA HIS B 212 14.15 1.99 -8.53
C HIS B 212 15.40 1.92 -9.39
N ILE B 213 16.56 2.09 -8.76
CA ILE B 213 17.82 2.03 -9.51
C ILE B 213 17.97 0.69 -10.17
N ARG B 214 17.88 -0.37 -9.37
CA ARG B 214 17.97 -1.71 -9.92
C ARG B 214 16.93 -1.90 -11.04
N MET B 215 15.76 -1.29 -10.84
CA MET B 215 14.68 -1.39 -11.83
C MET B 215 15.12 -0.85 -13.19
N MET B 216 15.70 0.34 -13.21
CA MET B 216 15.89 1.15 -14.41
C MET B 216 17.04 0.70 -15.30
N GLN B 217 18.24 0.83 -14.76
CA GLN B 217 19.45 0.40 -15.41
C GLN B 217 20.12 -0.41 -14.36
N ARG B 218 21.35 -0.80 -14.62
CA ARG B 218 22.02 -1.77 -13.78
C ARG B 218 23.01 -1.15 -12.74
N GLU B 219 23.35 -1.98 -11.75
CA GLU B 219 24.50 -1.82 -10.84
C GLU B 219 24.17 -1.46 -9.38
N TYR B 220 23.84 -0.21 -9.13
CA TYR B 220 23.67 0.37 -7.77
C TYR B 220 24.94 0.68 -7.00
N GLN B 221 26.10 0.29 -7.51
CA GLN B 221 27.27 0.69 -6.74
C GLN B 221 27.71 2.02 -7.33
N ILE B 222 27.51 2.15 -8.63
CA ILE B 222 28.03 3.29 -9.35
C ILE B 222 27.05 4.42 -9.29
N ARG B 223 25.76 4.12 -9.51
CA ARG B 223 24.78 5.19 -9.57
C ARG B 223 24.52 5.79 -8.21
N SER B 224 24.64 4.98 -7.17
CA SER B 224 24.50 5.48 -5.80
C SER B 224 25.52 6.58 -5.50
N ALA B 225 26.80 6.29 -5.76
CA ALA B 225 27.87 7.26 -5.58
C ALA B 225 27.60 8.49 -6.41
N GLU B 226 27.04 8.31 -7.59
CA GLU B 226 26.75 9.45 -8.47
C GLU B 226 25.73 10.36 -7.83
N LEU B 227 24.77 9.77 -7.14
CA LEU B 227 23.72 10.57 -6.53
C LEU B 227 24.23 11.26 -5.30
N ASN B 228 24.92 10.51 -4.43
CA ASN B 228 25.45 11.06 -3.21
C ASN B 228 26.39 12.18 -3.59
N SER B 229 26.89 12.11 -4.82
CA SER B 229 27.85 13.07 -5.35
C SER B 229 27.23 14.45 -5.39
N ALA B 230 26.02 14.54 -5.94
CA ALA B 230 25.27 15.79 -6.01
C ALA B 230 24.79 16.26 -4.64
N LEU B 231 24.35 15.33 -3.82
CA LEU B 231 23.97 15.63 -2.44
C LEU B 231 25.11 16.30 -1.66
N PHE B 232 26.29 15.71 -1.73
CA PHE B 232 27.47 16.29 -1.12
C PHE B 232 27.75 17.71 -1.62
N LEU B 233 27.53 17.94 -2.89
CA LEU B 233 27.78 19.24 -3.47
C LEU B 233 26.70 20.25 -3.05
N LEU B 234 25.62 19.74 -2.48
CA LEU B 234 24.47 20.56 -2.08
C LEU B 234 24.62 21.09 -0.67
N ARG B 235 25.24 20.30 0.19
CA ARG B 235 25.35 20.69 1.57
C ARG B 235 26.10 22.00 1.76
N PHE B 236 26.70 22.51 0.67
CA PHE B 236 27.56 23.69 0.79
C PHE B 236 26.92 24.97 0.22
N ILE B 237 25.58 25.01 0.28
CA ILE B 237 24.80 26.12 -0.26
C ILE B 237 24.53 27.32 0.69
N ASN B 238 23.99 27.07 1.87
CA ASN B 238 24.03 28.05 2.95
C ASN B 238 22.73 28.53 3.54
N SER B 239 21.72 28.82 2.72
CA SER B 239 20.42 29.20 3.29
C SER B 239 20.39 30.65 3.66
N ASP B 240 21.44 31.40 3.38
CA ASP B 240 21.44 32.82 3.69
C ASP B 240 21.68 33.37 2.33
N VAL B 241 22.41 32.61 1.56
CA VAL B 241 22.77 33.05 0.24
C VAL B 241 21.58 32.86 -0.63
N VAL B 242 20.91 31.71 -0.48
CA VAL B 242 19.71 31.45 -1.26
C VAL B 242 18.69 32.55 -1.05
N THR B 243 18.30 32.75 0.21
CA THR B 243 17.28 33.75 0.53
C THR B 243 17.68 35.11 0.00
N GLU B 244 18.96 35.40 0.01
CA GLU B 244 19.44 36.71 -0.38
C GLU B 244 19.46 36.83 -1.88
N LEU B 245 19.91 35.77 -2.52
CA LEU B 245 20.04 35.82 -3.96
C LEU B 245 18.69 35.88 -4.66
N PHE B 246 17.73 35.09 -4.19
CA PHE B 246 16.46 34.87 -4.89
C PHE B 246 15.28 35.57 -4.28
N PHE B 247 15.26 35.66 -2.97
CA PHE B 247 14.06 36.12 -2.29
C PHE B 247 14.10 37.54 -1.75
N ARG B 248 15.25 38.03 -1.29
CA ARG B 248 15.29 39.35 -0.66
C ARG B 248 14.68 40.42 -1.55
N PRO B 249 14.91 40.34 -2.86
CA PRO B 249 14.28 41.29 -3.79
C PRO B 249 12.74 41.39 -3.60
N ILE B 250 12.10 40.24 -3.44
CA ILE B 250 10.65 40.11 -3.28
C ILE B 250 10.23 40.22 -1.82
N ILE B 251 10.67 39.25 -1.02
CA ILE B 251 10.33 39.19 0.40
C ILE B 251 10.73 40.47 1.14
N GLY B 252 11.74 41.17 0.65
CA GLY B 252 12.19 42.41 1.23
C GLY B 252 12.80 42.23 2.61
N ALA B 253 12.01 42.52 3.64
CA ALA B 253 12.50 42.50 5.02
C ALA B 253 11.68 41.58 5.93
N VAL B 254 11.63 40.30 5.60
CA VAL B 254 10.81 39.34 6.34
C VAL B 254 11.66 38.11 6.66
N SER B 255 11.42 37.50 7.82
CA SER B 255 12.16 36.30 8.20
C SER B 255 11.66 35.12 7.41
N MET B 256 12.56 34.49 6.69
CA MET B 256 12.18 33.38 5.85
C MET B 256 11.50 32.31 6.69
N ASP B 257 11.92 32.23 7.94
CA ASP B 257 11.42 31.21 8.84
C ASP B 257 9.98 31.51 9.24
N ASP B 258 9.62 32.79 9.25
CA ASP B 258 8.24 33.16 9.54
C ASP B 258 7.38 32.73 8.35
N MET B 259 7.93 32.92 7.16
CA MET B 259 7.24 32.60 5.95
C MET B 259 6.82 31.14 5.96
N MET B 260 7.75 30.23 6.25
CA MET B 260 7.44 28.80 6.23
C MET B 260 6.16 28.48 6.96
N LEU B 261 5.99 29.03 8.16
CA LEU B 261 4.80 28.77 8.96
C LEU B 261 3.53 29.16 8.19
N GLU B 262 3.50 30.37 7.67
CA GLU B 262 2.36 30.78 6.90
C GLU B 262 2.14 29.84 5.72
N MET B 263 3.22 29.31 5.15
CA MET B 263 3.12 28.39 4.02
C MET B 263 2.63 26.98 4.38
N LEU B 264 2.92 26.56 5.61
CA LEU B 264 2.47 25.25 6.13
C LEU B 264 1.01 25.31 6.45
N CYS B 265 0.43 26.49 6.24
CA CYS B 265 -0.95 26.72 6.58
C CYS B 265 -1.67 27.27 5.37
N ALA B 266 -1.05 28.22 4.68
CA ALA B 266 -1.66 28.91 3.56
C ALA B 266 -1.88 28.00 2.36
N LYS B 267 -2.46 28.58 1.31
CA LYS B 267 -2.87 27.86 0.11
C LYS B 267 -3.56 26.54 0.50
N LEU B 268 -3.03 25.44 0.00
CA LEU B 268 -3.60 24.09 0.20
C LEU B 268 -5.08 24.01 -0.21
N ASP C 48 -1.81 -49.22 -20.19
CA ASP C 48 -1.29 -47.87 -20.02
C ASP C 48 -2.16 -46.96 -19.15
N PRO C 49 -3.49 -47.13 -19.18
CA PRO C 49 -4.37 -46.18 -18.49
C PRO C 49 -4.01 -45.90 -17.03
N GLN C 50 -3.95 -46.95 -16.21
CA GLN C 50 -3.61 -46.76 -14.80
C GLN C 50 -2.20 -46.17 -14.69
N VAL C 51 -1.35 -46.49 -15.66
CA VAL C 51 0.04 -46.08 -15.63
C VAL C 51 0.16 -44.55 -15.71
N VAL C 52 -0.44 -43.98 -16.74
CA VAL C 52 -0.32 -42.54 -17.03
C VAL C 52 -1.18 -41.67 -16.12
N CYS C 53 -2.47 -42.01 -15.98
CA CYS C 53 -3.38 -41.27 -15.12
C CYS C 53 -2.88 -41.21 -13.69
N GLU C 54 -2.10 -42.22 -13.30
CA GLU C 54 -1.56 -42.29 -11.95
C GLU C 54 -0.56 -41.17 -11.77
N ALA C 55 0.14 -40.84 -12.85
CA ALA C 55 1.16 -39.79 -12.82
C ALA C 55 0.65 -38.44 -13.37
N ALA C 56 -0.43 -38.49 -14.13
CA ALA C 56 -1.09 -37.27 -14.59
C ALA C 56 -1.56 -36.44 -13.42
N SER C 57 -1.92 -37.11 -12.32
CA SER C 57 -2.35 -36.41 -11.12
C SER C 57 -1.13 -35.94 -10.33
N ALA C 58 -0.05 -36.70 -10.38
CA ALA C 58 1.21 -36.34 -9.73
C ALA C 58 1.79 -35.05 -10.29
N GLY C 59 1.30 -34.67 -11.47
CA GLY C 59 1.72 -33.43 -12.07
C GLY C 59 0.74 -32.35 -11.70
N LEU C 60 -0.54 -32.71 -11.75
CA LEU C 60 -1.61 -31.77 -11.43
C LEU C 60 -1.36 -31.19 -10.04
N LEU C 61 -1.02 -32.06 -9.10
CA LEU C 61 -0.71 -31.67 -7.74
C LEU C 61 0.64 -30.98 -7.69
N LYS C 62 1.61 -31.51 -8.44
CA LYS C 62 2.92 -30.89 -8.54
C LYS C 62 2.80 -29.45 -9.05
N THR C 63 1.80 -29.24 -9.90
CA THR C 63 1.49 -27.94 -10.47
C THR C 63 0.88 -27.01 -9.43
N LEU C 64 -0.29 -27.40 -8.93
CA LEU C 64 -1.07 -26.56 -8.03
C LEU C 64 -0.28 -26.15 -6.79
N ARG C 65 0.56 -27.05 -6.31
CA ARG C 65 1.43 -26.74 -5.20
C ARG C 65 2.37 -25.57 -5.57
N PHE C 66 2.98 -25.69 -6.74
CA PHE C 66 3.88 -24.66 -7.25
C PHE C 66 3.20 -23.31 -7.22
N VAL C 67 1.95 -23.28 -7.69
CA VAL C 67 1.10 -22.08 -7.74
C VAL C 67 0.65 -21.60 -6.37
N LYS C 68 0.08 -22.51 -5.59
CA LYS C 68 -0.46 -22.18 -4.28
C LYS C 68 0.57 -21.55 -3.36
N TYR C 69 1.78 -22.12 -3.33
CA TYR C 69 2.83 -21.64 -2.44
C TYR C 69 3.60 -20.49 -3.06
N LEU C 70 2.96 -19.81 -3.99
CA LEU C 70 3.54 -18.64 -4.65
C LEU C 70 3.09 -17.36 -3.94
N PRO C 71 4.03 -16.65 -3.32
CA PRO C 71 3.82 -15.45 -2.49
C PRO C 71 2.93 -14.38 -3.13
N CYS C 72 3.20 -14.05 -4.38
CA CYS C 72 2.40 -13.07 -5.09
C CYS C 72 1.03 -13.64 -5.44
N PHE C 73 0.84 -14.89 -5.11
CA PHE C 73 -0.42 -15.57 -5.36
C PHE C 73 -1.24 -15.58 -4.07
N GLN C 74 -0.57 -15.70 -2.93
CA GLN C 74 -1.26 -15.69 -1.66
C GLN C 74 -2.08 -14.43 -1.51
N ILE C 75 -1.58 -13.35 -2.09
CA ILE C 75 -2.27 -12.07 -2.05
C ILE C 75 -3.45 -12.04 -3.00
N LEU C 76 -4.43 -12.89 -2.80
CA LEU C 76 -5.58 -12.91 -3.66
C LEU C 76 -6.81 -13.50 -2.97
N PRO C 77 -7.95 -12.89 -3.23
CA PRO C 77 -9.18 -13.09 -2.51
C PRO C 77 -9.70 -14.48 -2.67
N LEU C 78 -8.92 -15.35 -3.28
CA LEU C 78 -9.37 -16.72 -3.48
C LEU C 78 -10.37 -16.79 -4.60
N ASP C 79 -11.47 -16.06 -4.51
CA ASP C 79 -12.43 -16.08 -5.57
C ASP C 79 -11.69 -15.72 -6.84
N GLN C 80 -10.74 -14.81 -6.72
CA GLN C 80 -9.89 -14.40 -7.83
C GLN C 80 -8.83 -15.47 -8.00
N GLN C 81 -8.14 -15.74 -6.90
CA GLN C 81 -7.13 -16.79 -6.85
C GLN C 81 -7.59 -18.06 -7.54
N LEU C 82 -8.90 -18.22 -7.68
CA LEU C 82 -9.51 -19.38 -8.33
C LEU C 82 -9.76 -19.14 -9.81
N VAL C 83 -10.37 -18.02 -10.16
CA VAL C 83 -10.56 -17.63 -11.56
C VAL C 83 -9.39 -18.05 -12.44
N LEU C 84 -8.18 -17.84 -11.90
CA LEU C 84 -6.94 -18.17 -12.55
C LEU C 84 -6.86 -19.65 -12.73
N VAL C 85 -6.73 -20.33 -11.61
CA VAL C 85 -6.63 -21.78 -11.64
C VAL C 85 -7.74 -22.42 -12.47
N ARG C 86 -8.94 -21.86 -12.46
CA ARG C 86 -10.05 -22.47 -13.17
C ARG C 86 -9.78 -22.54 -14.68
N SER C 87 -8.68 -21.95 -15.13
CA SER C 87 -8.35 -21.91 -16.57
C SER C 87 -6.95 -22.39 -16.92
N CYS C 88 -5.98 -21.77 -16.26
CA CYS C 88 -4.57 -22.10 -16.35
C CYS C 88 -4.23 -23.55 -16.04
N TRP C 89 -5.13 -24.26 -15.37
CA TRP C 89 -4.81 -25.61 -14.91
C TRP C 89 -4.51 -26.59 -16.04
N ALA C 90 -5.37 -26.62 -17.05
CA ALA C 90 -5.14 -27.53 -18.18
C ALA C 90 -3.76 -27.31 -18.80
N PRO C 91 -3.49 -26.09 -19.26
CA PRO C 91 -2.17 -25.80 -19.83
C PRO C 91 -1.07 -26.10 -18.85
N LEU C 92 -1.05 -25.42 -17.73
CA LEU C 92 0.02 -25.61 -16.74
C LEU C 92 0.33 -27.06 -16.51
N LEU C 93 -0.71 -27.89 -16.62
CA LEU C 93 -0.56 -29.32 -16.49
C LEU C 93 0.28 -29.86 -17.63
N MET C 94 -0.10 -29.56 -18.87
CA MET C 94 0.65 -29.98 -20.05
C MET C 94 2.09 -29.60 -19.93
N LEU C 95 2.37 -28.40 -19.50
CA LEU C 95 3.73 -27.98 -19.37
C LEU C 95 4.52 -28.83 -18.37
N GLU C 96 3.85 -29.29 -17.32
CA GLU C 96 4.51 -30.14 -16.34
C GLU C 96 4.85 -31.49 -16.94
N LEU C 97 3.88 -32.10 -17.58
CA LEU C 97 4.03 -33.40 -18.22
C LEU C 97 5.08 -33.38 -19.32
N ALA C 98 5.05 -32.34 -20.13
CA ALA C 98 6.04 -32.14 -21.19
C ALA C 98 7.41 -31.85 -20.61
N GLN C 99 7.45 -31.32 -19.39
CA GLN C 99 8.72 -31.10 -18.72
C GLN C 99 9.30 -32.41 -18.18
N ASP C 100 8.40 -33.34 -17.84
CA ASP C 100 8.74 -34.66 -17.32
C ASP C 100 8.73 -35.72 -18.42
N HIS C 101 8.61 -35.27 -19.67
CA HIS C 101 8.66 -36.17 -20.82
C HIS C 101 7.69 -37.33 -20.64
N LEU C 102 6.43 -37.02 -20.37
CA LEU C 102 5.45 -38.07 -20.20
C LEU C 102 5.06 -38.65 -21.56
N HIS C 103 5.53 -39.86 -21.84
CA HIS C 103 5.14 -40.56 -23.06
C HIS C 103 3.89 -41.39 -22.83
N PHE C 104 3.00 -41.39 -23.82
CA PHE C 104 1.81 -42.23 -23.78
C PHE C 104 1.21 -42.39 -25.16
N GLU C 105 0.57 -43.53 -25.40
CA GLU C 105 0.00 -43.82 -26.71
C GLU C 105 -1.52 -43.97 -26.62
N MET C 106 -2.16 -44.25 -27.77
CA MET C 106 -3.60 -44.49 -27.80
C MET C 106 -4.01 -45.78 -28.48
N MET C 107 -5.31 -46.04 -28.51
CA MET C 107 -5.82 -47.29 -29.06
C MET C 107 -7.24 -47.12 -29.64
N GLU C 108 -7.59 -47.96 -30.59
CA GLU C 108 -8.90 -47.92 -31.24
C GLU C 108 -9.95 -48.65 -30.42
N HIS C 149 -8.15 -44.28 -27.29
CA HIS C 149 -9.12 -44.97 -26.46
C HIS C 149 -10.54 -44.47 -26.74
N LEU C 150 -10.63 -43.36 -27.44
CA LEU C 150 -11.91 -42.76 -27.84
C LEU C 150 -11.71 -42.00 -29.15
N LEU C 151 -12.72 -41.20 -29.50
CA LEU C 151 -12.87 -40.65 -30.86
C LEU C 151 -12.28 -39.25 -31.13
N PRO C 152 -12.64 -38.23 -30.31
CA PRO C 152 -12.14 -36.88 -30.62
C PRO C 152 -10.69 -36.94 -31.08
N ALA C 153 -10.44 -36.61 -32.34
CA ALA C 153 -9.11 -36.80 -32.91
C ALA C 153 -8.36 -35.49 -32.85
N ALA C 154 -8.97 -34.44 -33.37
CA ALA C 154 -8.34 -33.13 -33.36
C ALA C 154 -7.84 -32.82 -31.96
N ALA C 155 -8.64 -33.21 -30.96
CA ALA C 155 -8.29 -32.98 -29.55
C ALA C 155 -7.04 -33.76 -29.19
N VAL C 156 -7.01 -35.01 -29.59
CA VAL C 156 -5.85 -35.85 -29.34
C VAL C 156 -4.59 -35.40 -30.08
N GLN C 157 -4.71 -35.13 -31.37
CA GLN C 157 -3.56 -34.73 -32.19
C GLN C 157 -2.95 -33.41 -31.72
N ALA C 158 -3.77 -32.56 -31.11
CA ALA C 158 -3.28 -31.27 -30.62
C ALA C 158 -2.34 -31.44 -29.44
N ILE C 159 -2.76 -32.24 -28.47
CA ILE C 159 -1.93 -32.59 -27.33
C ILE C 159 -0.62 -33.20 -27.79
N LYS C 160 -0.73 -34.19 -28.67
CA LYS C 160 0.40 -34.88 -29.22
C LYS C 160 1.35 -33.82 -29.79
N SER C 161 0.85 -33.00 -30.71
CA SER C 161 1.69 -32.02 -31.39
C SER C 161 2.40 -31.11 -30.40
N PHE C 162 1.73 -30.83 -29.29
CA PHE C 162 2.26 -29.92 -28.30
C PHE C 162 3.49 -30.47 -27.60
N PHE C 163 3.34 -31.65 -27.00
CA PHE C 163 4.44 -32.27 -26.30
C PHE C 163 5.66 -32.41 -27.18
N PHE C 164 5.43 -32.73 -28.45
CA PHE C 164 6.54 -32.91 -29.35
C PHE C 164 7.23 -31.60 -29.66
N LYS C 165 6.46 -30.55 -29.91
CA LYS C 165 7.05 -29.25 -30.23
C LYS C 165 7.85 -28.79 -29.04
N CYS C 166 7.46 -29.23 -27.85
CA CYS C 166 8.14 -28.81 -26.65
C CYS C 166 9.48 -29.49 -26.58
N TRP C 167 9.46 -30.82 -26.65
CA TRP C 167 10.65 -31.63 -26.58
C TRP C 167 11.61 -31.25 -27.70
N SER C 168 11.05 -30.94 -28.86
CA SER C 168 11.78 -30.49 -30.02
C SER C 168 12.62 -29.24 -29.70
N LEU C 169 12.15 -28.41 -28.78
CA LEU C 169 12.77 -27.11 -28.51
C LEU C 169 13.74 -27.13 -27.33
N ASN C 170 14.02 -28.31 -26.81
CA ASN C 170 14.94 -28.47 -25.68
C ASN C 170 14.79 -27.42 -24.60
N ILE C 171 13.57 -27.31 -24.07
CA ILE C 171 13.22 -26.29 -23.10
C ILE C 171 13.85 -26.60 -21.76
N ASP C 172 14.73 -25.73 -21.28
CA ASP C 172 15.35 -26.00 -19.99
C ASP C 172 14.41 -25.75 -18.82
N THR C 173 14.93 -25.96 -17.62
CA THR C 173 14.12 -25.87 -16.41
C THR C 173 13.55 -24.45 -16.22
N LYS C 174 14.43 -23.47 -16.19
CA LYS C 174 14.02 -22.08 -16.02
C LYS C 174 12.99 -21.71 -17.07
N GLU C 175 13.30 -21.97 -18.34
CA GLU C 175 12.37 -21.65 -19.42
C GLU C 175 10.98 -22.23 -19.17
N TYR C 176 10.91 -23.50 -18.80
CA TYR C 176 9.65 -24.14 -18.43
C TYR C 176 8.93 -23.41 -17.31
N ALA C 177 9.68 -22.95 -16.30
CA ALA C 177 9.09 -22.20 -15.20
C ALA C 177 8.45 -20.94 -15.73
N TYR C 178 9.26 -20.10 -16.36
CA TYR C 178 8.78 -18.83 -16.90
C TYR C 178 7.61 -19.00 -17.88
N LEU C 179 7.56 -20.13 -18.55
CA LEU C 179 6.44 -20.41 -19.43
C LEU C 179 5.16 -20.55 -18.63
N LYS C 180 5.26 -21.32 -17.55
CA LYS C 180 4.13 -21.59 -16.68
C LYS C 180 3.50 -20.30 -16.15
N GLY C 181 4.33 -19.39 -15.61
CA GLY C 181 3.91 -18.07 -15.18
C GLY C 181 3.15 -17.33 -16.26
N THR C 182 3.73 -17.27 -17.45
CA THR C 182 3.07 -16.68 -18.60
C THR C 182 1.63 -17.18 -18.79
N VAL C 183 1.41 -18.46 -18.49
CA VAL C 183 0.09 -19.06 -18.64
C VAL C 183 -0.79 -18.66 -17.48
N LEU C 184 -0.21 -18.75 -16.29
CA LEU C 184 -0.91 -18.48 -15.05
C LEU C 184 -1.53 -17.07 -15.05
N PHE C 185 -0.77 -16.07 -15.48
CA PHE C 185 -1.23 -14.70 -15.41
C PHE C 185 -1.66 -14.14 -16.71
N ASN C 186 -2.92 -14.22 -17.10
CA ASN C 186 -3.25 -13.35 -18.22
C ASN C 186 -4.42 -12.53 -17.81
N PRO C 187 -4.34 -11.21 -18.00
CA PRO C 187 -5.41 -10.34 -17.51
C PRO C 187 -6.70 -10.50 -18.30
N ASP C 188 -6.66 -11.23 -19.41
CA ASP C 188 -7.82 -11.32 -20.27
C ASP C 188 -8.98 -12.04 -19.62
N LEU C 189 -8.67 -13.04 -18.79
CA LEU C 189 -9.68 -13.87 -18.16
C LEU C 189 -10.84 -13.03 -17.63
N PRO C 190 -12.07 -13.40 -17.99
CA PRO C 190 -13.27 -12.73 -17.54
C PRO C 190 -13.54 -13.04 -16.08
N GLY C 191 -13.89 -12.01 -15.31
CA GLY C 191 -14.17 -12.21 -13.91
C GLY C 191 -13.07 -11.67 -13.03
N LEU C 192 -11.95 -11.26 -13.63
CA LEU C 192 -10.82 -10.67 -12.88
C LEU C 192 -11.13 -9.27 -12.34
N GLN C 193 -10.64 -8.98 -11.14
CA GLN C 193 -10.88 -7.71 -10.49
C GLN C 193 -9.56 -6.98 -10.33
N CYS C 194 -8.50 -7.63 -10.76
CA CYS C 194 -7.15 -7.17 -10.50
C CYS C 194 -6.33 -7.20 -11.78
N VAL C 195 -6.92 -6.74 -12.86
CA VAL C 195 -6.22 -6.83 -14.13
C VAL C 195 -4.82 -6.22 -14.02
N LYS C 196 -4.76 -4.96 -13.62
CA LYS C 196 -3.50 -4.22 -13.59
C LYS C 196 -2.45 -4.95 -12.76
N TYR C 197 -2.89 -5.77 -11.84
CA TYR C 197 -1.93 -6.45 -10.97
C TYR C 197 -1.24 -7.58 -11.71
N ILE C 198 -2.02 -8.46 -12.32
CA ILE C 198 -1.49 -9.59 -13.06
C ILE C 198 -0.77 -9.18 -14.35
N GLU C 199 -1.28 -8.15 -15.02
CA GLU C 199 -0.56 -7.54 -16.14
C GLU C 199 0.89 -7.29 -15.79
N GLY C 200 1.11 -6.81 -14.56
CA GLY C 200 2.45 -6.49 -14.12
C GLY C 200 3.24 -7.75 -13.93
N LEU C 201 2.63 -8.69 -13.23
CA LEU C 201 3.20 -10.01 -13.06
C LEU C 201 3.53 -10.62 -14.41
N GLN C 202 2.55 -10.63 -15.30
CA GLN C 202 2.70 -11.05 -16.70
C GLN C 202 3.94 -10.40 -17.28
N TRP C 203 4.07 -9.11 -17.03
CA TRP C 203 5.21 -8.35 -17.51
C TRP C 203 6.49 -8.87 -16.89
N ARG C 204 6.61 -8.79 -15.57
CA ARG C 204 7.86 -9.21 -14.91
C ARG C 204 8.30 -10.64 -15.28
N THR C 205 7.36 -11.45 -15.77
CA THR C 205 7.66 -12.82 -16.11
C THR C 205 8.46 -12.85 -17.40
N GLN C 206 7.91 -12.26 -18.45
CA GLN C 206 8.58 -12.18 -19.73
C GLN C 206 9.84 -11.32 -19.62
N GLN C 207 9.92 -10.52 -18.57
CA GLN C 207 11.09 -9.70 -18.32
C GLN C 207 12.21 -10.59 -17.77
N ILE C 208 11.91 -11.30 -16.70
CA ILE C 208 12.89 -12.16 -16.04
C ILE C 208 13.30 -13.30 -16.96
N LEU C 209 12.47 -13.53 -17.97
CA LEU C 209 12.69 -14.57 -18.96
C LEU C 209 13.68 -14.12 -19.99
N THR C 210 13.49 -12.90 -20.47
CA THR C 210 14.41 -12.31 -21.42
C THR C 210 15.84 -12.29 -20.87
N GLU C 211 15.97 -12.00 -19.58
CA GLU C 211 17.27 -11.98 -18.94
C GLU C 211 17.97 -13.33 -19.02
N HIS C 212 17.22 -14.40 -18.79
CA HIS C 212 17.77 -15.75 -18.90
C HIS C 212 18.30 -16.05 -20.31
N ILE C 213 17.51 -15.69 -21.31
CA ILE C 213 17.94 -15.78 -22.70
C ILE C 213 19.22 -14.97 -22.94
N ARG C 214 19.20 -13.71 -22.55
CA ARG C 214 20.37 -12.85 -22.65
C ARG C 214 21.60 -13.59 -22.15
N MET C 215 21.45 -14.25 -21.00
CA MET C 215 22.56 -14.88 -20.29
C MET C 215 23.28 -15.98 -21.07
N MET C 216 22.68 -16.47 -22.16
CA MET C 216 23.26 -17.66 -22.78
C MET C 216 23.01 -17.78 -24.29
N GLN C 217 21.83 -18.30 -24.63
CA GLN C 217 21.38 -18.39 -26.00
C GLN C 217 21.12 -16.98 -26.48
N ARG C 218 21.89 -16.53 -27.45
CA ARG C 218 21.69 -15.21 -27.98
C ARG C 218 20.58 -15.25 -29.04
N GLU C 219 20.49 -14.21 -29.86
CA GLU C 219 19.43 -14.10 -30.87
C GLU C 219 18.04 -14.15 -30.24
N TYR C 220 17.71 -13.10 -29.50
CA TYR C 220 16.47 -13.05 -28.76
C TYR C 220 15.26 -13.39 -29.59
N GLN C 221 14.93 -12.57 -30.58
CA GLN C 221 13.69 -12.77 -31.34
C GLN C 221 13.54 -14.22 -31.74
N ILE C 222 14.67 -14.93 -31.88
CA ILE C 222 14.67 -16.35 -32.23
C ILE C 222 14.17 -17.29 -31.15
N ARG C 223 14.90 -17.38 -30.04
CA ARG C 223 14.50 -18.22 -28.90
C ARG C 223 13.16 -17.80 -28.33
N SER C 224 12.85 -16.51 -28.45
CA SER C 224 11.61 -15.93 -27.98
C SER C 224 10.43 -16.38 -28.82
N ALA C 225 10.42 -16.03 -30.10
CA ALA C 225 9.30 -16.41 -30.97
C ALA C 225 9.18 -17.93 -31.04
N GLU C 226 10.30 -18.59 -30.77
CA GLU C 226 10.39 -20.04 -30.69
C GLU C 226 9.48 -20.60 -29.58
N LEU C 227 9.67 -20.10 -28.36
CA LEU C 227 8.84 -20.50 -27.23
C LEU C 227 7.39 -20.08 -27.39
N ASN C 228 7.16 -18.90 -27.93
CA ASN C 228 5.79 -18.45 -28.10
C ASN C 228 5.02 -19.40 -28.99
N SER C 229 5.77 -20.17 -29.80
CA SER C 229 5.20 -21.23 -30.64
C SER C 229 4.61 -22.33 -29.78
N ALA C 230 5.36 -22.84 -28.83
CA ALA C 230 4.81 -23.78 -27.85
C ALA C 230 3.48 -23.29 -27.24
N LEU C 231 3.48 -22.05 -26.78
CA LEU C 231 2.29 -21.47 -26.16
C LEU C 231 1.14 -21.37 -27.15
N PHE C 232 1.47 -21.05 -28.39
CA PHE C 232 0.44 -20.94 -29.40
C PHE C 232 -0.36 -22.23 -29.54
N LEU C 233 0.27 -23.36 -29.24
CA LEU C 233 -0.38 -24.65 -29.39
C LEU C 233 -1.43 -24.86 -28.32
N LEU C 234 -1.13 -24.45 -27.09
CA LEU C 234 -2.03 -24.65 -25.97
C LEU C 234 -3.45 -24.16 -26.28
N ARG C 235 -3.55 -23.04 -26.97
CA ARG C 235 -4.84 -22.51 -27.44
C ARG C 235 -5.88 -23.55 -27.82
N PHE C 236 -5.45 -24.68 -28.37
CA PHE C 236 -6.38 -25.71 -28.82
C PHE C 236 -6.46 -26.93 -27.92
N ILE C 237 -6.92 -26.77 -26.68
CA ILE C 237 -6.89 -27.88 -25.73
C ILE C 237 -8.23 -28.16 -25.00
N ASN C 238 -9.10 -27.16 -24.98
CA ASN C 238 -10.42 -27.34 -24.40
C ASN C 238 -10.38 -27.47 -22.88
N SER C 239 -9.59 -28.42 -22.39
CA SER C 239 -9.51 -28.69 -20.96
C SER C 239 -10.71 -29.53 -20.54
N ASP C 240 -11.58 -29.77 -21.51
CA ASP C 240 -12.68 -30.69 -21.29
C ASP C 240 -12.12 -32.03 -21.66
N VAL C 241 -11.33 -32.00 -22.73
CA VAL C 241 -10.70 -33.19 -23.24
C VAL C 241 -9.65 -33.71 -22.27
N VAL C 242 -8.83 -32.79 -21.76
CA VAL C 242 -7.79 -33.19 -20.83
C VAL C 242 -8.40 -33.98 -19.71
N THR C 243 -9.55 -33.52 -19.23
CA THR C 243 -10.30 -34.21 -18.18
C THR C 243 -10.62 -35.65 -18.57
N GLU C 244 -11.41 -35.80 -19.62
CA GLU C 244 -11.78 -37.11 -20.16
C GLU C 244 -10.58 -38.03 -20.32
N LEU C 245 -9.43 -37.45 -20.62
CA LEU C 245 -8.26 -38.22 -21.00
C LEU C 245 -7.51 -38.79 -19.83
N PHE C 246 -7.32 -37.98 -18.81
CA PHE C 246 -6.46 -38.40 -17.72
C PHE C 246 -7.19 -38.54 -16.40
N PHE C 247 -8.47 -38.21 -16.37
CA PHE C 247 -9.15 -38.18 -15.09
C PHE C 247 -10.45 -38.97 -14.99
N ARG C 248 -11.27 -38.96 -16.05
CA ARG C 248 -12.52 -39.71 -16.06
C ARG C 248 -12.35 -41.13 -15.55
N PRO C 249 -11.35 -41.85 -16.08
CA PRO C 249 -11.09 -43.24 -15.68
C PRO C 249 -10.87 -43.41 -14.17
N ILE C 250 -10.48 -42.32 -13.50
CA ILE C 250 -10.14 -42.37 -12.08
C ILE C 250 -11.16 -41.61 -11.23
N ILE C 251 -11.72 -40.54 -11.79
CA ILE C 251 -12.61 -39.67 -11.03
C ILE C 251 -14.06 -40.17 -11.07
N GLY C 252 -14.53 -40.61 -12.23
CA GLY C 252 -15.90 -41.02 -12.39
C GLY C 252 -16.94 -40.01 -11.89
N ALA C 253 -17.00 -38.87 -12.56
CA ALA C 253 -18.09 -37.89 -12.42
C ALA C 253 -18.05 -36.81 -11.31
N VAL C 254 -16.96 -36.68 -10.56
CA VAL C 254 -16.94 -35.67 -9.48
C VAL C 254 -16.67 -34.26 -10.02
N SER C 255 -16.37 -34.19 -11.31
CA SER C 255 -16.02 -32.93 -11.97
C SER C 255 -14.56 -32.58 -11.74
N MET C 256 -14.06 -31.65 -12.54
CA MET C 256 -12.78 -31.03 -12.29
C MET C 256 -13.12 -29.58 -12.05
N ASP C 257 -14.13 -29.39 -11.22
CA ASP C 257 -14.51 -28.08 -10.75
C ASP C 257 -14.50 -28.29 -9.26
N ASP C 258 -15.25 -29.31 -8.85
CA ASP C 258 -15.28 -29.73 -7.46
C ASP C 258 -13.86 -30.10 -6.99
N MET C 259 -13.06 -30.62 -7.90
CA MET C 259 -11.69 -30.97 -7.56
C MET C 259 -10.91 -29.75 -7.14
N MET C 260 -10.78 -28.81 -8.07
CA MET C 260 -10.00 -27.59 -7.87
C MET C 260 -10.21 -26.92 -6.53
N LEU C 261 -11.46 -26.55 -6.25
CA LEU C 261 -11.83 -25.86 -5.04
C LEU C 261 -11.08 -26.47 -3.86
N GLU C 262 -11.10 -27.81 -3.80
CA GLU C 262 -10.50 -28.55 -2.70
C GLU C 262 -9.02 -28.24 -2.59
N MET C 263 -8.35 -28.42 -3.71
CA MET C 263 -6.92 -28.23 -3.80
C MET C 263 -6.45 -26.94 -3.15
N LEU C 264 -6.89 -25.80 -3.69
CA LEU C 264 -6.42 -24.50 -3.22
C LEU C 264 -6.47 -24.31 -1.71
N CYS C 265 -7.52 -24.84 -1.07
CA CYS C 265 -7.72 -24.62 0.36
C CYS C 265 -7.16 -25.76 1.17
N ALA C 266 -7.14 -26.94 0.56
CA ALA C 266 -6.64 -28.16 1.19
C ALA C 266 -5.28 -27.91 1.82
N LYS C 267 -4.28 -27.74 0.96
CA LYS C 267 -2.96 -27.38 1.41
C LYS C 267 -2.90 -25.89 1.71
N LEU C 268 -3.72 -25.44 2.67
CA LEU C 268 -3.68 -24.07 3.16
C LEU C 268 -3.32 -24.08 4.65
#